data_1IDX
#
_entry.id   1IDX
#
_entity_poly.entity_id   1
_entity_poly.type   'polydeoxyribonucleotide'
_entity_poly.pdbx_seq_one_letter_code
;(DA)(DG)(DG)(DA)(DT)(DC)(DC)(DT)(DT)(DU)(DT)(DG)(DG)(DA)(DT)(DC)(DC)(DT)
;
_entity_poly.pdbx_strand_id   A
#
loop_
_chem_comp.id
_chem_comp.type
_chem_comp.name
_chem_comp.formula
DA DNA linking 2'-DEOXYADENOSINE-5'-MONOPHOSPHATE 'C10 H14 N5 O6 P'
DC DNA linking 2'-DEOXYCYTIDINE-5'-MONOPHOSPHATE 'C9 H14 N3 O7 P'
DG DNA linking 2'-DEOXYGUANOSINE-5'-MONOPHOSPHATE 'C10 H14 N5 O7 P'
DT DNA linking THYMIDINE-5'-MONOPHOSPHATE 'C10 H15 N2 O8 P'
DU DNA linking 2'-DEOXYURIDINE-5'-MONOPHOSPHATE 'C9 H13 N2 O8 P'
#